data_7E5M
#
_entry.id   7E5M
#
_cell.length_a   51.543
_cell.length_b   126.882
_cell.length_c   54.072
_cell.angle_alpha   90.00
_cell.angle_beta   118.39
_cell.angle_gamma   90.00
#
_symmetry.space_group_name_H-M   'P 1 21 1'
#
loop_
_entity.id
_entity.type
_entity.pdbx_description
1 polymer 'Tumor-associated calcium signal transducer 2'
2 non-polymer 2-acetamido-2-deoxy-beta-D-glucopyranose
#
_entity_poly.entity_id   1
_entity_poly.type   'polypeptide(L)'
_entity_poly.pdbx_seq_one_letter_code
;NCTCPTNKMTVCSPDGPGGRCQCRALGSGMAVDCSTLTSKCLLLKARMSAPKNARTLVRPSEHALVDNDGLYDPDCDPEG
RFKARQCNQTSVCWCVNSVGVRRTDKGDLSLRCDELVRTHHILIDLRHRPTAGAFNHSDLDAELRRLFRERYRLHPKFVA
AVHYEQPTIQIELRQNTSQKAAGDVDIGDAAYYFERDIKGESLFQGRGGLDLRVRGEPLQVERTLIYYLDEIPPKF
;
_entity_poly.pdbx_strand_id   A,B
#
# COMPACT_ATOMS: atom_id res chain seq x y z
N ASN A 1 -35.77 -23.57 -0.96
CA ASN A 1 -35.80 -22.37 -1.78
C ASN A 1 -34.48 -22.19 -2.51
N CYS A 2 -34.53 -22.13 -3.84
CA CYS A 2 -33.33 -22.09 -4.66
C CYS A 2 -32.62 -20.74 -4.58
N THR A 3 -31.64 -20.65 -3.69
CA THR A 3 -30.84 -19.45 -3.53
C THR A 3 -29.36 -19.81 -3.59
N CYS A 4 -28.54 -18.79 -3.85
CA CYS A 4 -27.09 -18.89 -3.74
C CYS A 4 -26.64 -17.70 -2.90
N PRO A 5 -26.67 -17.84 -1.57
CA PRO A 5 -26.47 -16.66 -0.70
C PRO A 5 -25.15 -15.95 -0.90
N THR A 6 -24.04 -16.69 -1.02
CA THR A 6 -22.74 -16.05 -1.09
C THR A 6 -22.41 -15.50 -2.48
N ASN A 7 -23.21 -15.81 -3.49
CA ASN A 7 -22.94 -15.33 -4.84
C ASN A 7 -24.29 -15.14 -5.54
N LYS A 8 -24.77 -13.89 -5.56
CA LYS A 8 -26.03 -13.60 -6.23
C LYS A 8 -25.90 -13.64 -7.75
N MET A 9 -24.68 -13.51 -8.28
CA MET A 9 -24.43 -13.53 -9.71
C MET A 9 -24.43 -14.97 -10.24
N THR A 10 -25.54 -15.67 -9.95
CA THR A 10 -25.72 -17.05 -10.34
C THR A 10 -27.16 -17.26 -10.79
N VAL A 11 -27.39 -18.35 -11.51
CA VAL A 11 -28.73 -18.77 -11.93
C VAL A 11 -28.97 -20.15 -11.33
N CYS A 12 -29.99 -20.26 -10.51
CA CYS A 12 -30.39 -21.51 -9.91
C CYS A 12 -31.80 -21.88 -10.37
N SER A 13 -32.16 -23.13 -10.10
CA SER A 13 -33.51 -23.64 -10.37
C SER A 13 -33.66 -25.03 -9.75
N PRO A 14 -34.89 -25.40 -9.33
CA PRO A 14 -35.17 -26.78 -8.86
C PRO A 14 -35.37 -27.74 -10.02
N ASP A 15 -34.42 -27.76 -10.95
CA ASP A 15 -34.42 -28.68 -12.08
C ASP A 15 -33.42 -29.81 -11.88
N GLY A 16 -33.36 -30.32 -10.65
CA GLY A 16 -32.43 -31.38 -10.31
C GLY A 16 -33.14 -32.68 -9.99
N PRO A 17 -32.35 -33.73 -9.78
CA PRO A 17 -32.93 -35.07 -9.54
C PRO A 17 -33.86 -35.05 -8.33
N GLY A 18 -35.12 -35.39 -8.57
CA GLY A 18 -36.13 -35.33 -7.53
C GLY A 18 -36.47 -33.93 -7.07
N GLY A 19 -36.33 -32.94 -7.95
CA GLY A 19 -36.54 -31.56 -7.57
C GLY A 19 -35.37 -30.91 -6.88
N ARG A 20 -34.16 -31.46 -7.10
CA ARG A 20 -32.93 -30.91 -6.48
C ARG A 20 -32.69 -29.49 -6.98
N CYS A 21 -32.04 -28.67 -6.17
CA CYS A 21 -31.78 -27.26 -6.53
C CYS A 21 -30.39 -27.16 -7.15
N GLN A 22 -30.35 -27.15 -8.49
CA GLN A 22 -29.12 -26.85 -9.21
C GLN A 22 -28.88 -25.35 -9.28
N CYS A 23 -27.60 -24.98 -9.38
CA CYS A 23 -27.24 -23.58 -9.57
C CYS A 23 -25.88 -23.50 -10.25
N ARG A 24 -25.74 -22.52 -11.14
CA ARG A 24 -24.55 -22.34 -11.96
C ARG A 24 -24.18 -20.87 -12.00
N ALA A 25 -22.96 -20.59 -12.45
CA ALA A 25 -22.41 -19.24 -12.45
C ALA A 25 -22.89 -18.45 -13.66
N LEU A 26 -23.32 -17.21 -13.43
CA LEU A 26 -23.73 -16.33 -14.51
C LEU A 26 -22.56 -16.08 -15.46
N GLY A 27 -22.82 -16.19 -16.76
CA GLY A 27 -21.81 -15.94 -17.75
C GLY A 27 -20.89 -17.13 -18.00
N SER A 28 -20.03 -17.43 -17.03
CA SER A 28 -19.06 -18.50 -17.20
C SER A 28 -19.73 -19.87 -17.25
N GLY A 29 -20.89 -20.03 -16.60
CA GLY A 29 -21.52 -21.32 -16.49
C GLY A 29 -20.85 -22.28 -15.54
N MET A 30 -19.80 -21.84 -14.84
CA MET A 30 -19.04 -22.71 -13.95
C MET A 30 -19.86 -23.08 -12.72
N ALA A 31 -19.36 -24.08 -11.99
CA ALA A 31 -19.98 -24.47 -10.73
C ALA A 31 -19.62 -23.48 -9.64
N VAL A 32 -20.58 -23.20 -8.76
CA VAL A 32 -20.41 -22.26 -7.67
C VAL A 32 -20.74 -22.96 -6.36
N ASP A 33 -19.85 -22.81 -5.37
CA ASP A 33 -20.06 -23.35 -4.03
C ASP A 33 -20.68 -22.23 -3.19
N CYS A 34 -22.01 -22.25 -3.09
CA CYS A 34 -22.74 -21.15 -2.47
C CYS A 34 -22.56 -21.07 -0.95
N SER A 35 -21.91 -22.06 -0.33
CA SER A 35 -21.58 -21.95 1.08
C SER A 35 -20.49 -20.92 1.32
N THR A 36 -19.51 -20.86 0.43
CA THR A 36 -18.32 -20.03 0.61
C THR A 36 -18.24 -19.02 -0.54
N LEU A 37 -17.15 -18.23 -0.52
CA LEU A 37 -16.94 -17.22 -1.54
C LEU A 37 -16.56 -17.86 -2.87
N THR A 38 -17.14 -17.34 -3.95
CA THR A 38 -16.76 -17.75 -5.29
C THR A 38 -15.50 -17.01 -5.72
N SER A 39 -14.64 -17.69 -6.47
CA SER A 39 -13.38 -17.10 -6.90
C SER A 39 -13.62 -15.84 -7.72
N LYS A 40 -12.71 -14.87 -7.56
CA LYS A 40 -12.89 -13.55 -8.16
C LYS A 40 -12.97 -13.63 -9.69
N CYS A 41 -12.33 -14.64 -10.30
CA CYS A 41 -12.32 -14.76 -11.76
C CYS A 41 -13.73 -15.00 -12.30
N LEU A 42 -14.45 -15.95 -11.70
CA LEU A 42 -15.81 -16.22 -12.16
C LEU A 42 -16.71 -15.03 -11.93
N LEU A 43 -16.50 -14.30 -10.84
CA LEU A 43 -17.30 -13.11 -10.57
C LEU A 43 -17.00 -12.01 -11.58
N LEU A 44 -15.75 -11.87 -12.01
CA LEU A 44 -15.41 -10.90 -13.06
C LEU A 44 -16.11 -11.28 -14.37
N LYS A 45 -16.05 -12.56 -14.72
CA LYS A 45 -16.72 -13.05 -15.96
C LYS A 45 -18.20 -12.71 -15.85
N ALA A 46 -18.83 -13.00 -14.70
CA ALA A 46 -20.24 -12.67 -14.52
C ALA A 46 -20.48 -11.17 -14.57
N ARG A 47 -19.50 -10.37 -14.16
CA ARG A 47 -19.64 -8.93 -14.25
C ARG A 47 -19.76 -8.47 -15.69
N MET A 48 -18.90 -8.97 -16.57
CA MET A 48 -19.06 -8.58 -17.97
C MET A 48 -20.22 -9.31 -18.63
N SER A 49 -20.06 -10.62 -18.81
CA SER A 49 -21.13 -11.60 -19.02
C SER A 49 -21.86 -11.55 -20.36
N ALA A 50 -21.70 -10.46 -21.13
CA ALA A 50 -22.22 -10.35 -22.50
C ALA A 50 -23.62 -10.94 -22.67
N PRO A 51 -24.70 -10.25 -22.22
CA PRO A 51 -26.05 -10.84 -22.24
C PRO A 51 -26.37 -11.62 -23.52
N LYS A 52 -27.07 -12.76 -23.36
CA LYS A 52 -27.11 -13.77 -24.41
C LYS A 52 -27.75 -13.23 -25.70
N ASN A 53 -28.92 -12.62 -25.59
CA ASN A 53 -29.57 -12.01 -26.75
C ASN A 53 -30.11 -10.64 -26.32
N ALA A 54 -29.43 -9.57 -26.76
CA ALA A 54 -29.81 -8.23 -26.34
C ALA A 54 -31.22 -7.88 -26.79
N ARG A 55 -31.57 -8.26 -28.02
CA ARG A 55 -32.93 -8.11 -28.57
C ARG A 55 -33.27 -6.64 -28.76
N THR A 56 -33.50 -5.92 -27.65
CA THR A 56 -33.79 -4.49 -27.71
C THR A 56 -32.65 -3.63 -27.19
N LEU A 57 -31.61 -4.23 -26.63
CA LEU A 57 -30.52 -3.47 -26.02
C LEU A 57 -29.49 -3.08 -27.07
N VAL A 58 -28.41 -2.44 -26.61
CA VAL A 58 -27.27 -2.09 -27.44
C VAL A 58 -26.00 -2.55 -26.76
N ARG A 59 -25.02 -2.97 -27.57
CA ARG A 59 -23.78 -3.54 -27.09
C ARG A 59 -22.81 -2.45 -26.67
N PRO A 60 -21.68 -2.82 -26.05
CA PRO A 60 -20.54 -1.89 -25.99
C PRO A 60 -19.74 -1.93 -27.28
N SER A 61 -18.98 -0.86 -27.50
CA SER A 61 -18.37 -0.59 -28.79
C SER A 61 -16.91 -1.05 -28.85
N GLU A 62 -16.38 -1.02 -30.08
CA GLU A 62 -14.96 -1.19 -30.32
C GLU A 62 -14.14 -0.02 -29.77
N HIS A 63 -14.75 1.15 -29.62
CA HIS A 63 -14.04 2.33 -29.16
C HIS A 63 -14.53 2.88 -27.84
N ALA A 64 -15.63 2.36 -27.28
CA ALA A 64 -16.18 2.87 -26.04
C ALA A 64 -15.36 2.37 -24.86
N LEU A 65 -14.85 3.29 -24.05
CA LEU A 65 -14.02 2.96 -22.91
C LEU A 65 -14.81 3.09 -21.61
N VAL A 66 -14.30 2.45 -20.57
CA VAL A 66 -14.91 2.49 -19.24
C VAL A 66 -13.99 3.26 -18.31
N ASP A 67 -14.50 3.54 -17.10
CA ASP A 67 -13.71 4.27 -16.12
C ASP A 67 -12.49 3.48 -15.67
N ASN A 68 -12.68 2.19 -15.37
CA ASN A 68 -11.62 1.33 -14.87
C ASN A 68 -11.03 0.55 -16.02
N ASP A 69 -9.76 0.84 -16.36
CA ASP A 69 -9.08 0.08 -17.40
C ASP A 69 -8.76 -1.34 -16.96
N GLY A 70 -8.75 -1.62 -15.66
CA GLY A 70 -8.48 -2.94 -15.16
C GLY A 70 -9.71 -3.82 -15.07
N LEU A 71 -10.70 -3.54 -15.92
CA LEU A 71 -11.92 -4.33 -16.01
C LEU A 71 -11.96 -5.03 -17.36
N TYR A 72 -12.08 -6.36 -17.33
CA TYR A 72 -12.07 -7.15 -18.55
C TYR A 72 -12.75 -8.49 -18.26
N ASP A 73 -12.76 -9.36 -19.27
CA ASP A 73 -13.36 -10.68 -19.15
C ASP A 73 -12.25 -11.73 -19.15
N PRO A 74 -11.90 -12.30 -17.99
CA PRO A 74 -10.76 -13.21 -17.93
C PRO A 74 -11.10 -14.65 -18.29
N ASP A 75 -10.08 -15.49 -18.34
CA ASP A 75 -10.22 -16.93 -18.56
C ASP A 75 -9.84 -17.65 -17.28
N CYS A 76 -10.76 -18.43 -16.74
CA CYS A 76 -10.59 -19.07 -15.44
C CYS A 76 -10.32 -20.56 -15.63
N ASP A 77 -9.33 -21.08 -14.89
CA ASP A 77 -8.92 -22.47 -15.00
C ASP A 77 -9.97 -23.37 -14.34
N PRO A 78 -9.85 -24.72 -14.46
CA PRO A 78 -10.91 -25.59 -13.93
C PRO A 78 -10.96 -25.68 -12.41
N GLU A 79 -10.20 -24.83 -11.71
CA GLU A 79 -10.33 -24.71 -10.27
C GLU A 79 -11.04 -23.44 -9.82
N GLY A 80 -11.25 -22.48 -10.73
CA GLY A 80 -11.91 -21.23 -10.43
C GLY A 80 -10.99 -20.03 -10.44
N ARG A 81 -9.71 -20.23 -10.11
CA ARG A 81 -8.76 -19.12 -10.09
C ARG A 81 -8.42 -18.69 -11.52
N PHE A 82 -7.78 -17.53 -11.63
CA PHE A 82 -7.39 -17.01 -12.93
C PHE A 82 -6.37 -17.94 -13.58
N LYS A 83 -6.27 -17.84 -14.90
CA LYS A 83 -5.13 -18.45 -15.57
C LYS A 83 -3.95 -17.48 -15.53
N ALA A 84 -2.74 -18.04 -15.63
CA ALA A 84 -1.53 -17.22 -15.54
C ALA A 84 -1.41 -16.24 -16.70
N ARG A 85 -2.10 -16.49 -17.81
CA ARG A 85 -2.02 -15.67 -19.00
C ARG A 85 -3.42 -15.25 -19.42
N GLN A 86 -3.60 -13.95 -19.65
CA GLN A 86 -4.91 -13.39 -20.01
C GLN A 86 -4.77 -12.60 -21.30
N CYS A 87 -5.28 -13.14 -22.39
CA CYS A 87 -5.28 -12.50 -23.70
C CYS A 87 -6.73 -12.22 -24.06
N ASN A 88 -7.23 -11.07 -23.60
CA ASN A 88 -8.63 -10.78 -23.92
C ASN A 88 -8.77 -10.06 -25.25
N GLN A 89 -7.66 -9.69 -25.88
CA GLN A 89 -7.63 -8.89 -27.10
C GLN A 89 -7.34 -9.76 -28.33
N THR A 90 -7.14 -9.10 -29.47
CA THR A 90 -6.85 -9.79 -30.71
C THR A 90 -5.57 -10.61 -30.60
N SER A 91 -4.44 -9.94 -30.40
CA SER A 91 -3.16 -10.61 -30.28
C SER A 91 -2.36 -10.15 -29.06
N VAL A 92 -2.96 -9.35 -28.19
CA VAL A 92 -2.27 -8.78 -27.05
C VAL A 92 -2.48 -9.68 -25.84
N CYS A 93 -1.39 -10.04 -25.18
CA CYS A 93 -1.40 -10.92 -24.02
C CYS A 93 -0.65 -10.26 -22.88
N TRP A 94 -0.69 -10.90 -21.71
CA TRP A 94 0.06 -10.47 -20.54
C TRP A 94 -0.06 -11.57 -19.48
N CYS A 95 0.66 -11.39 -18.38
CA CYS A 95 0.61 -12.28 -17.23
C CYS A 95 -0.07 -11.58 -16.07
N VAL A 96 -0.85 -12.33 -15.30
CA VAL A 96 -1.58 -11.80 -14.15
C VAL A 96 -1.20 -12.58 -12.91
N ASN A 97 -1.47 -11.97 -11.76
CA ASN A 97 -1.27 -12.63 -10.48
C ASN A 97 -2.57 -13.31 -10.04
N SER A 98 -2.62 -13.74 -8.77
CA SER A 98 -3.80 -14.44 -8.28
C SER A 98 -5.03 -13.53 -8.26
N VAL A 99 -4.84 -12.26 -7.92
CA VAL A 99 -5.97 -11.33 -7.84
C VAL A 99 -6.40 -10.80 -9.20
N GLY A 100 -5.62 -11.06 -10.25
CA GLY A 100 -6.04 -10.74 -11.60
C GLY A 100 -5.60 -9.39 -12.14
N VAL A 101 -4.59 -8.77 -11.55
CA VAL A 101 -4.04 -7.54 -12.09
C VAL A 101 -2.76 -7.87 -12.86
N ARG A 102 -2.30 -6.91 -13.65
CA ARG A 102 -1.28 -7.17 -14.66
C ARG A 102 0.12 -7.18 -14.04
N ARG A 103 0.90 -8.21 -14.38
CA ARG A 103 2.23 -8.40 -13.82
C ARG A 103 3.37 -8.15 -14.80
N THR A 104 3.09 -8.10 -16.10
CA THR A 104 4.15 -7.89 -17.09
C THR A 104 3.76 -6.81 -18.08
N ASP A 105 4.56 -6.66 -19.14
CA ASP A 105 4.22 -5.75 -20.22
C ASP A 105 3.47 -6.50 -21.31
N LYS A 106 2.54 -5.81 -21.96
CA LYS A 106 1.69 -6.45 -22.96
C LYS A 106 2.52 -7.02 -24.09
N GLY A 107 2.30 -8.30 -24.38
CA GLY A 107 3.03 -8.98 -25.43
C GLY A 107 2.15 -9.48 -26.55
N ASP A 108 2.54 -10.58 -27.18
CA ASP A 108 1.80 -11.16 -28.29
C ASP A 108 1.32 -12.58 -27.93
N LEU A 109 0.76 -13.27 -28.92
CA LEU A 109 0.19 -14.60 -28.72
C LEU A 109 1.23 -15.69 -28.52
N SER A 110 2.52 -15.36 -28.56
CA SER A 110 3.57 -16.31 -28.22
C SER A 110 4.06 -16.14 -26.78
N LEU A 111 3.33 -15.40 -25.97
CA LEU A 111 3.70 -15.20 -24.57
C LEU A 111 3.52 -16.48 -23.78
N ARG A 112 4.26 -16.59 -22.68
CA ARG A 112 4.29 -17.82 -21.89
C ARG A 112 4.44 -17.43 -20.41
N CYS A 113 3.32 -17.44 -19.69
CA CYS A 113 3.33 -17.21 -18.25
C CYS A 113 3.42 -18.56 -17.54
N ASP A 114 4.53 -18.80 -16.84
CA ASP A 114 4.80 -20.12 -16.29
C ASP A 114 3.94 -20.40 -15.06
N GLU A 115 4.11 -19.62 -14.00
CA GLU A 115 3.39 -19.84 -12.75
C GLU A 115 2.44 -18.68 -12.50
N LEU A 116 1.35 -19.00 -11.79
CA LEU A 116 0.36 -18.03 -11.36
C LEU A 116 0.89 -17.37 -10.09
N VAL A 117 1.48 -16.18 -10.22
CA VAL A 117 2.11 -15.53 -9.08
C VAL A 117 1.06 -15.20 -8.02
N ARG A 118 1.42 -15.42 -6.76
CA ARG A 118 0.48 -15.32 -5.65
C ARG A 118 0.54 -13.94 -5.02
N THR A 119 -0.58 -13.22 -5.06
CA THR A 119 -0.72 -12.00 -4.29
C THR A 119 -0.89 -12.37 -2.83
N HIS A 120 0.14 -12.17 -2.02
CA HIS A 120 0.14 -12.67 -0.65
C HIS A 120 -0.11 -11.61 0.40
N HIS A 121 0.11 -10.33 0.07
CA HIS A 121 -0.22 -9.23 0.97
C HIS A 121 -1.10 -8.24 0.24
N ILE A 122 -2.17 -7.82 0.89
CA ILE A 122 -3.13 -6.87 0.33
C ILE A 122 -3.37 -5.75 1.34
N LEU A 123 -3.34 -4.51 0.85
CA LEU A 123 -3.53 -3.34 1.70
C LEU A 123 -4.75 -2.58 1.21
N ILE A 124 -5.80 -2.56 2.04
CA ILE A 124 -7.05 -1.88 1.71
C ILE A 124 -7.07 -0.55 2.44
N ASP A 125 -7.07 0.54 1.68
CA ASP A 125 -7.06 1.89 2.23
C ASP A 125 -8.44 2.49 2.03
N LEU A 126 -9.13 2.77 3.12
CA LEU A 126 -10.46 3.36 3.09
C LEU A 126 -10.40 4.78 3.65
N ARG A 127 -11.30 5.63 3.19
CA ARG A 127 -11.48 6.94 3.79
C ARG A 127 -12.96 7.22 3.91
N HIS A 128 -13.41 7.56 5.11
CA HIS A 128 -14.82 7.72 5.41
C HIS A 128 -15.20 9.18 5.53
N ARG A 129 -16.45 9.48 5.19
CA ARG A 129 -16.98 10.83 5.31
C ARG A 129 -16.79 11.33 6.74
N PRO A 130 -16.11 12.46 6.94
CA PRO A 130 -15.67 12.83 8.29
C PRO A 130 -16.84 13.15 9.21
N THR A 131 -16.97 12.36 10.27
CA THR A 131 -17.91 12.68 11.33
C THR A 131 -17.34 13.81 12.19
N ALA A 132 -18.11 14.22 13.21
CA ALA A 132 -17.70 15.35 14.04
C ALA A 132 -16.32 15.13 14.65
N GLY A 133 -15.99 13.88 14.98
CA GLY A 133 -14.65 13.54 15.43
C GLY A 133 -14.19 12.22 14.85
N ALA A 134 -13.30 11.53 15.54
CA ALA A 134 -12.85 10.21 15.16
C ALA A 134 -13.32 9.18 16.17
N PHE A 135 -13.37 7.93 15.73
CA PHE A 135 -13.81 6.83 16.59
C PHE A 135 -12.66 6.42 17.52
N ASN A 136 -12.82 5.30 18.20
CA ASN A 136 -11.76 4.69 18.98
C ASN A 136 -11.16 3.55 18.17
N HIS A 137 -9.83 3.48 18.13
CA HIS A 137 -9.14 2.49 17.31
C HIS A 137 -9.56 1.07 17.68
N SER A 138 -9.79 0.82 18.97
CA SER A 138 -10.12 -0.53 19.43
C SER A 138 -11.42 -1.02 18.80
N ASP A 139 -12.45 -0.17 18.82
CA ASP A 139 -13.74 -0.57 18.27
C ASP A 139 -13.65 -0.80 16.76
N LEU A 140 -12.89 0.04 16.06
CA LEU A 140 -12.72 -0.12 14.63
C LEU A 140 -12.03 -1.45 14.30
N ASP A 141 -10.96 -1.77 15.04
CA ASP A 141 -10.29 -3.05 14.85
C ASP A 141 -11.24 -4.21 15.11
N ALA A 142 -12.00 -4.13 16.19
CA ALA A 142 -12.95 -5.19 16.52
C ALA A 142 -13.94 -5.39 15.38
N GLU A 143 -14.55 -4.30 14.91
CA GLU A 143 -15.58 -4.41 13.88
C GLU A 143 -15.01 -4.95 12.57
N LEU A 144 -13.84 -4.46 12.16
CA LEU A 144 -13.30 -4.87 10.85
C LEU A 144 -12.83 -6.31 10.87
N ARG A 145 -12.11 -6.71 11.93
CA ARG A 145 -11.72 -8.11 12.05
C ARG A 145 -12.93 -9.02 12.14
N ARG A 146 -13.99 -8.58 12.84
CA ARG A 146 -15.21 -9.37 12.88
C ARG A 146 -15.84 -9.49 11.50
N LEU A 147 -15.82 -8.39 10.73
CA LEU A 147 -16.36 -8.45 9.37
C LEU A 147 -15.67 -9.50 8.53
N PHE A 148 -14.33 -9.47 8.48
CA PHE A 148 -13.66 -10.49 7.68
C PHE A 148 -13.77 -11.88 8.30
N ARG A 149 -13.95 -11.97 9.61
CA ARG A 149 -14.08 -13.28 10.26
C ARG A 149 -15.41 -13.94 9.92
N GLU A 150 -16.50 -13.20 10.01
CA GLU A 150 -17.84 -13.76 9.85
C GLU A 150 -18.39 -13.57 8.44
N ARG A 151 -18.46 -12.32 7.98
CA ARG A 151 -19.21 -12.01 6.75
C ARG A 151 -18.51 -12.59 5.53
N TYR A 152 -17.20 -12.38 5.41
CA TYR A 152 -16.45 -12.92 4.29
C TYR A 152 -15.79 -14.25 4.62
N ARG A 153 -15.96 -14.75 5.86
CA ARG A 153 -15.49 -16.07 6.26
C ARG A 153 -13.98 -16.22 6.08
N LEU A 154 -13.25 -15.14 6.33
CA LEU A 154 -11.80 -15.16 6.27
C LEU A 154 -11.26 -15.44 7.67
N HIS A 155 -10.33 -16.40 7.77
CA HIS A 155 -9.83 -16.81 9.06
C HIS A 155 -9.13 -15.64 9.75
N PRO A 156 -9.31 -15.48 11.06
CA PRO A 156 -8.77 -14.28 11.74
C PRO A 156 -7.27 -14.14 11.65
N LYS A 157 -6.52 -15.23 11.47
CA LYS A 157 -5.07 -15.12 11.38
C LYS A 157 -4.60 -14.45 10.10
N PHE A 158 -5.48 -14.27 9.11
CA PHE A 158 -5.10 -13.65 7.85
C PHE A 158 -5.28 -12.13 7.84
N VAL A 159 -5.86 -11.56 8.90
CA VAL A 159 -5.99 -10.11 9.03
C VAL A 159 -4.76 -9.62 9.80
N ALA A 160 -3.74 -9.18 9.06
CA ALA A 160 -2.47 -8.86 9.68
C ALA A 160 -2.57 -7.69 10.65
N ALA A 161 -3.27 -6.63 10.26
CA ALA A 161 -3.33 -5.43 11.10
C ALA A 161 -4.43 -4.51 10.61
N VAL A 162 -4.85 -3.60 11.48
CA VAL A 162 -5.76 -2.51 11.14
C VAL A 162 -5.17 -1.22 11.71
N HIS A 163 -4.98 -0.23 10.85
CA HIS A 163 -4.43 1.07 11.24
C HIS A 163 -5.52 2.12 11.16
N TYR A 164 -5.56 3.01 12.16
CA TYR A 164 -6.52 4.10 12.16
C TYR A 164 -5.84 5.40 12.57
N GLU A 165 -6.32 6.48 11.98
CA GLU A 165 -5.90 7.86 12.25
C GLU A 165 -7.10 8.74 11.96
N GLN A 166 -6.85 10.00 11.63
CA GLN A 166 -7.95 10.87 11.21
C GLN A 166 -8.52 10.17 9.99
N PRO A 167 -9.79 10.36 9.57
CA PRO A 167 -10.45 9.60 8.50
C PRO A 167 -9.84 8.36 7.87
N THR A 168 -8.65 8.46 7.32
CA THR A 168 -8.08 7.36 6.55
C THR A 168 -7.79 6.14 7.43
N ILE A 169 -8.39 5.00 7.07
CA ILE A 169 -8.19 3.70 7.71
C ILE A 169 -7.42 2.80 6.77
N GLN A 170 -6.68 1.84 7.33
CA GLN A 170 -5.94 0.86 6.55
C GLN A 170 -6.15 -0.54 7.12
N ILE A 171 -6.18 -1.52 6.22
CA ILE A 171 -6.36 -2.93 6.58
C ILE A 171 -5.30 -3.75 5.86
N GLU A 172 -4.55 -4.54 6.61
CA GLU A 172 -3.55 -5.45 6.04
C GLU A 172 -4.06 -6.88 6.05
N LEU A 173 -3.84 -7.58 4.94
CA LEU A 173 -4.17 -8.99 4.82
C LEU A 173 -2.92 -9.73 4.36
N ARG A 174 -2.53 -10.77 5.10
CA ARG A 174 -1.29 -11.49 4.85
C ARG A 174 -1.60 -12.99 4.78
N GLN A 175 -1.48 -13.56 3.58
CA GLN A 175 -1.71 -14.99 3.37
C GLN A 175 -0.64 -15.53 2.42
N ASN A 176 0.36 -16.19 2.98
CA ASN A 176 1.34 -16.90 2.16
C ASN A 176 0.73 -18.20 1.63
N THR A 177 1.30 -18.70 0.54
CA THR A 177 0.83 -19.96 -0.02
C THR A 177 1.08 -21.12 0.94
N SER A 178 2.14 -21.03 1.76
CA SER A 178 2.44 -22.10 2.70
C SER A 178 1.47 -22.13 3.88
N GLN A 179 0.81 -21.01 4.19
CA GLN A 179 -0.15 -20.95 5.27
C GLN A 179 -1.59 -20.98 4.78
N LYS A 180 -1.81 -21.39 3.54
CA LYS A 180 -3.15 -21.62 3.02
C LYS A 180 -3.45 -23.12 3.04
N ALA A 181 -4.55 -23.49 3.68
CA ALA A 181 -4.93 -24.88 3.86
C ALA A 181 -6.08 -25.24 2.92
N ALA A 182 -6.59 -26.45 3.06
CA ALA A 182 -7.68 -26.92 2.21
C ALA A 182 -8.98 -26.22 2.59
N GLY A 183 -9.65 -25.65 1.59
CA GLY A 183 -10.94 -25.02 1.79
C GLY A 183 -10.89 -23.64 2.42
N ASP A 184 -9.71 -23.05 2.57
CA ASP A 184 -9.62 -21.69 3.09
C ASP A 184 -9.95 -20.69 2.00
N VAL A 185 -10.73 -19.67 2.36
CA VAL A 185 -11.01 -18.59 1.42
C VAL A 185 -9.74 -17.79 1.18
N ASP A 186 -9.63 -17.21 0.00
CA ASP A 186 -8.44 -16.47 -0.40
C ASP A 186 -8.61 -15.00 -0.04
N ILE A 187 -7.50 -14.37 0.38
CA ILE A 187 -7.54 -12.95 0.72
C ILE A 187 -7.88 -12.11 -0.51
N GLY A 188 -7.54 -12.59 -1.71
CA GLY A 188 -8.00 -11.91 -2.90
C GLY A 188 -9.51 -11.97 -3.05
N ASP A 189 -10.09 -13.14 -2.82
CA ASP A 189 -11.55 -13.28 -2.88
C ASP A 189 -12.22 -12.39 -1.84
N ALA A 190 -11.69 -12.42 -0.61
CA ALA A 190 -12.26 -11.61 0.46
C ALA A 190 -12.13 -10.12 0.16
N ALA A 191 -10.98 -9.70 -0.36
CA ALA A 191 -10.79 -8.30 -0.70
C ALA A 191 -11.73 -7.87 -1.82
N TYR A 192 -11.94 -8.74 -2.81
CA TYR A 192 -12.89 -8.41 -3.88
C TYR A 192 -14.31 -8.28 -3.32
N TYR A 193 -14.73 -9.22 -2.48
CA TYR A 193 -16.05 -9.12 -1.87
C TYR A 193 -16.17 -7.85 -1.05
N PHE A 194 -15.11 -7.49 -0.32
CA PHE A 194 -15.16 -6.31 0.54
C PHE A 194 -15.23 -5.03 -0.28
N GLU A 195 -14.50 -4.96 -1.40
CA GLU A 195 -14.58 -3.77 -2.23
C GLU A 195 -15.93 -3.67 -2.93
N ARG A 196 -16.52 -4.81 -3.30
CA ARG A 196 -17.85 -4.77 -3.90
C ARG A 196 -18.89 -4.30 -2.89
N ASP A 197 -18.80 -4.79 -1.65
CA ASP A 197 -19.74 -4.35 -0.61
C ASP A 197 -19.54 -2.88 -0.28
N ILE A 198 -18.29 -2.44 -0.16
CA ILE A 198 -17.99 -1.05 0.15
C ILE A 198 -18.53 -0.12 -0.94
N LYS A 199 -18.45 -0.57 -2.18
CA LYS A 199 -18.94 0.21 -3.32
C LYS A 199 -20.38 -0.10 -3.68
N GLY A 200 -21.13 -0.70 -2.77
CA GLY A 200 -22.57 -0.82 -2.92
C GLY A 200 -23.06 -1.77 -3.98
N GLU A 201 -22.22 -2.73 -4.39
CA GLU A 201 -22.59 -3.73 -5.41
C GLU A 201 -22.32 -5.13 -4.86
N SER A 202 -22.85 -5.39 -3.67
CA SER A 202 -22.56 -6.61 -2.94
C SER A 202 -22.96 -7.84 -3.74
N LEU A 203 -22.17 -8.91 -3.58
CA LEU A 203 -22.41 -10.18 -4.25
C LEU A 203 -23.28 -11.12 -3.43
N PHE A 204 -23.61 -10.76 -2.19
CA PHE A 204 -24.47 -11.60 -1.37
C PHE A 204 -25.91 -11.52 -1.86
N GLN A 205 -26.74 -12.45 -1.36
CA GLN A 205 -28.11 -12.55 -1.84
C GLN A 205 -29.00 -11.47 -1.23
N GLY A 206 -29.15 -11.48 0.10
CA GLY A 206 -30.09 -10.57 0.73
C GLY A 206 -29.65 -9.11 0.72
N ARG A 207 -28.37 -8.87 1.01
CA ARG A 207 -27.90 -7.52 1.26
C ARG A 207 -27.80 -6.72 -0.04
N GLY A 208 -27.56 -5.42 0.11
CA GLY A 208 -27.34 -4.54 -1.01
C GLY A 208 -25.96 -3.91 -0.98
N GLY A 209 -25.42 -3.71 0.21
CA GLY A 209 -24.10 -3.10 0.38
C GLY A 209 -23.47 -3.51 1.69
N LEU A 210 -22.80 -2.55 2.34
CA LEU A 210 -22.13 -2.76 3.62
C LEU A 210 -22.68 -1.77 4.63
N ASP A 211 -23.21 -2.30 5.74
CA ASP A 211 -23.68 -1.43 6.82
C ASP A 211 -22.51 -0.73 7.50
N LEU A 212 -21.58 -1.51 8.07
CA LEU A 212 -20.32 -1.00 8.61
C LEU A 212 -20.57 0.05 9.70
N ARG A 213 -21.14 -0.42 10.79
CA ARG A 213 -21.37 0.41 11.97
C ARG A 213 -20.33 0.11 13.04
N VAL A 214 -19.84 1.16 13.68
CA VAL A 214 -18.80 1.04 14.71
C VAL A 214 -19.36 1.65 15.99
N ARG A 215 -19.84 0.79 16.89
CA ARG A 215 -20.35 1.20 18.20
C ARG A 215 -21.51 2.18 18.05
N GLY A 216 -22.51 1.79 17.27
CA GLY A 216 -23.72 2.57 17.07
C GLY A 216 -23.68 3.56 15.93
N GLU A 217 -22.53 4.17 15.70
CA GLU A 217 -22.37 5.15 14.62
C GLU A 217 -22.02 4.45 13.32
N PRO A 218 -22.73 4.74 12.22
CA PRO A 218 -22.38 4.12 10.93
C PRO A 218 -21.06 4.66 10.41
N LEU A 219 -20.60 4.05 9.33
CA LEU A 219 -19.30 4.39 8.73
C LEU A 219 -19.47 4.36 7.21
N GLN A 220 -19.69 5.53 6.62
CA GLN A 220 -19.87 5.67 5.18
C GLN A 220 -18.53 6.06 4.56
N VAL A 221 -18.06 5.26 3.61
CA VAL A 221 -16.69 5.34 3.10
C VAL A 221 -16.72 5.99 1.73
N GLU A 222 -16.08 7.15 1.61
CA GLU A 222 -16.01 7.85 0.32
C GLU A 222 -15.00 7.18 -0.60
N ARG A 223 -13.74 7.13 -0.19
CA ARG A 223 -12.65 6.69 -1.04
C ARG A 223 -12.13 5.34 -0.58
N THR A 224 -11.76 4.50 -1.54
CA THR A 224 -11.16 3.20 -1.26
C THR A 224 -9.99 2.97 -2.21
N LEU A 225 -8.89 2.47 -1.66
CA LEU A 225 -7.73 2.07 -2.45
C LEU A 225 -7.24 0.71 -1.97
N ILE A 226 -6.95 -0.18 -2.93
CA ILE A 226 -6.56 -1.54 -2.63
C ILE A 226 -5.27 -1.84 -3.39
N TYR A 227 -4.22 -2.19 -2.65
CA TYR A 227 -2.92 -2.50 -3.22
C TYR A 227 -2.64 -3.98 -3.10
N TYR A 228 -2.07 -4.58 -4.14
CA TYR A 228 -1.80 -6.00 -4.19
C TYR A 228 -0.30 -6.24 -4.26
N LEU A 229 0.22 -7.02 -3.32
CA LEU A 229 1.65 -7.30 -3.23
C LEU A 229 1.90 -8.77 -3.55
N ASP A 230 2.74 -9.02 -4.54
CA ASP A 230 3.05 -10.35 -5.00
C ASP A 230 4.40 -10.81 -4.45
N GLU A 231 4.54 -12.13 -4.27
CA GLU A 231 5.79 -12.68 -3.76
C GLU A 231 6.93 -12.42 -4.73
N ILE A 232 6.66 -12.49 -6.03
CA ILE A 232 7.63 -12.15 -7.06
C ILE A 232 7.28 -10.75 -7.60
N PRO A 233 8.18 -9.79 -7.56
CA PRO A 233 7.87 -8.45 -8.07
C PRO A 233 7.55 -8.50 -9.56
N PRO A 234 6.55 -7.73 -10.00
CA PRO A 234 6.23 -7.70 -11.43
C PRO A 234 7.35 -7.09 -12.25
N LYS A 235 7.45 -7.56 -13.49
CA LYS A 235 8.58 -7.25 -14.37
C LYS A 235 8.10 -6.26 -15.43
N PHE A 236 8.26 -4.96 -15.12
CA PHE A 236 7.90 -3.91 -16.07
C PHE A 236 9.16 -3.30 -16.68
N ASN B 1 35.97 23.79 1.31
CA ASN B 1 34.65 24.34 1.63
C ASN B 1 33.85 23.37 2.48
N CYS B 2 33.46 23.81 3.67
CA CYS B 2 32.73 22.98 4.62
C CYS B 2 31.29 22.83 4.17
N THR B 3 30.99 21.71 3.51
CA THR B 3 29.65 21.46 3.02
C THR B 3 29.28 19.99 3.23
N CYS B 4 27.99 19.73 3.40
CA CYS B 4 27.46 18.38 3.57
C CYS B 4 26.39 18.16 2.49
N PRO B 5 26.77 17.64 1.33
CA PRO B 5 25.81 17.53 0.23
C PRO B 5 24.59 16.68 0.53
N THR B 6 24.73 15.63 1.34
CA THR B 6 23.60 14.73 1.59
C THR B 6 22.71 15.22 2.72
N ASN B 7 23.22 16.00 3.65
CA ASN B 7 22.45 16.47 4.80
C ASN B 7 22.65 17.98 4.95
N LYS B 8 21.63 18.75 4.58
CA LYS B 8 21.66 20.18 4.82
C LYS B 8 21.32 20.53 6.26
N MET B 9 20.73 19.60 7.01
CA MET B 9 20.39 19.84 8.41
C MET B 9 21.59 19.54 9.29
N THR B 10 22.72 20.17 8.99
CA THR B 10 23.97 19.96 9.71
C THR B 10 24.67 21.30 9.89
N VAL B 11 25.69 21.31 10.74
CA VAL B 11 26.43 22.53 11.08
C VAL B 11 27.92 22.20 10.95
N CYS B 12 28.52 22.56 9.83
CA CYS B 12 29.95 22.34 9.60
C CYS B 12 30.74 23.63 9.81
N SER B 13 32.03 23.46 10.10
CA SER B 13 32.95 24.59 10.26
C SER B 13 34.39 24.08 10.20
N PRO B 14 35.33 24.85 9.62
CA PRO B 14 36.69 24.33 9.48
C PRO B 14 37.52 24.46 10.74
N ASP B 15 36.95 24.06 11.88
CA ASP B 15 37.65 24.04 13.15
C ASP B 15 38.21 22.66 13.49
N GLY B 16 38.62 21.90 12.48
CA GLY B 16 39.22 20.61 12.69
C GLY B 16 40.73 20.67 12.69
N PRO B 17 41.38 19.58 13.15
CA PRO B 17 42.84 19.56 13.23
C PRO B 17 43.50 19.94 11.90
N GLY B 18 44.21 21.05 11.89
CA GLY B 18 44.75 21.58 10.66
C GLY B 18 43.66 22.05 9.71
N GLY B 19 42.67 22.77 10.25
CA GLY B 19 41.60 23.29 9.42
C GLY B 19 40.67 22.24 8.86
N ARG B 20 40.61 21.06 9.48
CA ARG B 20 39.74 20.01 9.00
C ARG B 20 38.27 20.41 9.16
N CYS B 21 37.42 19.81 8.34
CA CYS B 21 36.01 20.12 8.36
C CYS B 21 35.28 19.10 9.23
N GLN B 22 34.70 19.55 10.33
CA GLN B 22 33.81 18.73 11.14
C GLN B 22 32.38 19.20 10.98
N CYS B 23 31.46 18.26 10.85
CA CYS B 23 30.05 18.57 10.78
C CYS B 23 29.27 17.65 11.71
N ARG B 24 28.18 18.19 12.26
CA ARG B 24 27.36 17.48 13.22
C ARG B 24 25.90 17.74 12.92
N ALA B 25 25.06 16.78 13.31
CA ALA B 25 23.64 16.83 12.97
C ALA B 25 22.92 17.89 13.80
N LEU B 26 22.07 18.68 13.13
CA LEU B 26 21.24 19.65 13.82
C LEU B 26 20.26 18.92 14.74
N GLY B 27 20.02 19.50 15.91
CA GLY B 27 19.04 18.95 16.83
C GLY B 27 19.56 17.84 17.72
N SER B 28 20.33 16.91 17.13
CA SER B 28 20.86 15.78 17.88
C SER B 28 22.34 15.90 18.21
N GLY B 29 23.11 16.68 17.45
CA GLY B 29 24.54 16.74 17.66
C GLY B 29 25.28 15.48 17.28
N MET B 30 24.60 14.51 16.67
CA MET B 30 25.23 13.25 16.30
C MET B 30 26.13 13.42 15.09
N ALA B 31 27.11 12.54 14.98
CA ALA B 31 27.97 12.52 13.80
C ALA B 31 27.17 12.06 12.58
N VAL B 32 27.45 12.69 11.44
CA VAL B 32 26.76 12.38 10.19
C VAL B 32 27.78 11.86 9.19
N ASP B 33 27.30 11.10 8.22
CA ASP B 33 28.08 10.65 7.08
C ASP B 33 27.57 11.42 5.87
N CYS B 34 28.36 12.39 5.42
CA CYS B 34 27.92 13.28 4.35
C CYS B 34 28.09 12.70 2.95
N SER B 35 28.74 11.55 2.81
CA SER B 35 28.78 10.88 1.52
C SER B 35 27.45 10.20 1.20
N THR B 36 26.85 9.54 2.18
CA THR B 36 25.64 8.76 2.01
C THR B 36 24.48 9.39 2.79
N LEU B 37 23.34 8.70 2.77
CA LEU B 37 22.15 9.20 3.44
C LEU B 37 22.25 9.04 4.95
N THR B 38 21.75 10.04 5.67
CA THR B 38 21.63 9.98 7.11
C THR B 38 20.32 9.29 7.49
N SER B 39 20.32 8.63 8.65
CA SER B 39 19.13 7.90 9.09
C SER B 39 17.96 8.84 9.31
N LYS B 40 16.76 8.30 9.12
CA LYS B 40 15.54 9.10 9.25
C LYS B 40 15.35 9.62 10.67
N CYS B 41 15.88 8.91 11.67
CA CYS B 41 15.69 9.32 13.06
C CYS B 41 16.43 10.62 13.36
N LEU B 42 17.68 10.72 12.94
CA LEU B 42 18.45 11.94 13.19
C LEU B 42 17.83 13.13 12.47
N LEU B 43 17.35 12.92 11.25
CA LEU B 43 16.67 13.98 10.52
C LEU B 43 15.35 14.36 11.19
N LEU B 44 14.65 13.40 11.79
CA LEU B 44 13.44 13.72 12.54
C LEU B 44 13.77 14.57 13.76
N LYS B 45 14.85 14.25 14.46
CA LYS B 45 15.30 15.09 15.56
C LYS B 45 15.66 16.49 15.07
N ALA B 46 16.28 16.59 13.89
CA ALA B 46 16.65 17.88 13.34
C ALA B 46 15.43 18.69 12.91
N ARG B 47 14.36 18.02 12.49
CA ARG B 47 13.21 18.73 11.94
C ARG B 47 12.56 19.64 12.97
N MET B 48 12.34 19.12 14.18
CA MET B 48 11.70 19.94 15.21
C MET B 48 12.74 20.81 15.92
N SER B 49 13.65 20.17 16.63
CA SER B 49 14.96 20.69 17.02
C SER B 49 14.96 21.77 18.09
N ALA B 50 13.78 22.33 18.43
CA ALA B 50 13.63 23.27 19.55
C ALA B 50 14.77 24.30 19.62
N PRO B 51 14.76 25.35 18.76
CA PRO B 51 15.92 26.27 18.67
C PRO B 51 16.54 26.65 20.00
N LYS B 52 17.86 26.76 20.03
CA LYS B 52 18.61 26.76 21.29
C LYS B 52 18.23 27.93 22.18
N ASN B 53 18.11 29.13 21.62
CA ASN B 53 17.66 30.30 22.38
C ASN B 53 16.78 31.14 21.45
N ALA B 54 15.47 31.07 21.68
CA ALA B 54 14.52 31.75 20.79
C ALA B 54 14.74 33.26 20.80
N ARG B 55 14.99 33.84 21.98
CA ARG B 55 15.31 35.25 22.14
C ARG B 55 14.12 36.12 21.70
N THR B 56 13.86 36.16 20.40
CA THR B 56 12.65 36.79 19.87
C THR B 56 11.66 35.79 19.29
N LEU B 57 12.05 34.51 19.20
CA LEU B 57 11.18 33.46 18.70
C LEU B 57 10.37 32.87 19.85
N VAL B 58 9.72 31.73 19.62
CA VAL B 58 8.74 31.19 20.55
C VAL B 58 8.76 29.68 20.55
N ARG B 59 7.98 29.10 21.45
CA ARG B 59 7.73 27.67 21.56
C ARG B 59 6.27 27.41 21.21
N PRO B 60 5.98 26.45 20.32
CA PRO B 60 4.58 26.18 19.98
C PRO B 60 3.77 25.79 21.21
N SER B 61 2.53 26.26 21.25
CA SER B 61 1.71 26.11 22.44
C SER B 61 1.48 24.64 22.76
N GLU B 62 1.42 24.33 24.07
CA GLU B 62 1.22 22.96 24.52
C GLU B 62 -0.16 22.43 24.11
N HIS B 63 -1.06 23.29 23.66
CA HIS B 63 -2.34 22.88 23.11
C HIS B 63 -2.40 23.12 21.60
N ALA B 64 -1.30 23.56 20.99
CA ALA B 64 -1.24 23.75 19.54
C ALA B 64 -0.84 22.46 18.86
N LEU B 65 -1.55 22.13 17.78
CA LEU B 65 -1.35 20.89 17.05
C LEU B 65 -0.89 21.17 15.62
N VAL B 66 -0.32 20.15 15.00
CA VAL B 66 0.25 20.26 13.66
C VAL B 66 -0.56 19.42 12.69
N ASP B 67 -0.27 19.58 11.40
CA ASP B 67 -1.03 18.88 10.37
C ASP B 67 -0.85 17.37 10.46
N ASN B 68 0.34 16.91 10.81
CA ASN B 68 0.63 15.49 10.88
C ASN B 68 0.71 15.05 12.33
N ASP B 69 -0.09 14.05 12.70
CA ASP B 69 -0.10 13.48 14.03
C ASP B 69 1.07 12.54 14.30
N GLY B 70 1.79 12.13 13.25
CA GLY B 70 2.92 11.23 13.40
C GLY B 70 4.28 11.90 13.37
N LEU B 71 4.31 13.22 13.56
CA LEU B 71 5.56 13.98 13.70
C LEU B 71 5.90 14.16 15.17
N TYR B 72 7.14 13.83 15.51
CA TYR B 72 7.61 13.86 16.88
C TYR B 72 9.14 13.89 16.88
N ASP B 73 9.69 14.18 18.05
CA ASP B 73 11.14 14.17 18.25
C ASP B 73 11.52 12.81 18.79
N PRO B 74 12.23 11.98 18.04
CA PRO B 74 12.50 10.61 18.47
C PRO B 74 13.81 10.48 19.26
N ASP B 75 13.98 9.30 19.84
CA ASP B 75 15.23 8.91 20.49
C ASP B 75 15.97 7.97 19.56
N CYS B 76 17.16 8.38 19.11
CA CYS B 76 17.94 7.61 18.17
C CYS B 76 19.05 6.85 18.89
N ASP B 77 19.17 5.56 18.59
CA ASP B 77 20.19 4.71 19.16
C ASP B 77 21.56 5.17 18.67
N PRO B 78 22.66 4.65 19.24
CA PRO B 78 23.99 5.12 18.82
C PRO B 78 24.27 4.99 17.33
N GLU B 79 23.73 3.96 16.67
CA GLU B 79 24.00 3.73 15.26
C GLU B 79 23.21 4.66 14.33
N GLY B 80 22.20 5.36 14.85
CA GLY B 80 21.42 6.30 14.08
C GLY B 80 19.98 5.87 13.86
N ARG B 81 19.69 4.58 13.93
CA ARG B 81 18.33 4.10 13.73
C ARG B 81 17.47 4.43 14.95
N PHE B 82 16.16 4.32 14.77
CA PHE B 82 15.23 4.61 15.85
C PHE B 82 15.45 3.65 17.01
N LYS B 83 15.22 4.15 18.22
CA LYS B 83 15.10 3.26 19.36
C LYS B 83 13.74 2.57 19.32
N ALA B 84 13.74 1.27 19.62
CA ALA B 84 12.53 0.47 19.50
C ALA B 84 11.38 1.05 20.32
N ARG B 85 11.69 1.65 21.47
CA ARG B 85 10.70 2.26 22.34
C ARG B 85 10.82 3.77 22.25
N GLN B 86 9.73 4.43 21.86
CA GLN B 86 9.69 5.87 21.71
C GLN B 86 8.75 6.46 22.76
N CYS B 87 9.28 7.42 23.51
CA CYS B 87 8.53 8.21 24.49
C CYS B 87 8.88 9.66 24.20
N ASN B 88 7.92 10.43 23.70
CA ASN B 88 8.17 11.82 23.30
C ASN B 88 8.76 12.58 24.49
N GLN B 89 7.99 12.80 25.56
CA GLN B 89 8.60 13.04 26.86
C GLN B 89 7.88 12.40 28.03
N THR B 90 6.60 12.12 27.94
CA THR B 90 5.74 11.90 29.11
C THR B 90 5.65 10.42 29.44
N SER B 91 4.68 10.07 30.29
CA SER B 91 4.36 8.70 30.69
C SER B 91 3.69 7.91 29.61
N VAL B 92 3.64 8.42 28.38
CA VAL B 92 3.08 7.72 27.23
C VAL B 92 4.24 7.23 26.38
N CYS B 93 4.28 5.93 26.12
CA CYS B 93 5.33 5.32 25.32
C CYS B 93 4.74 4.33 24.35
N TRP B 94 5.51 3.99 23.32
CA TRP B 94 5.04 3.03 22.33
C TRP B 94 6.24 2.38 21.66
N CYS B 95 5.97 1.35 20.87
CA CYS B 95 6.99 0.67 20.09
C CYS B 95 6.85 1.06 18.62
N VAL B 96 7.99 1.09 17.93
CA VAL B 96 8.04 1.53 16.55
C VAL B 96 8.79 0.50 15.71
N ASN B 97 8.62 0.60 14.41
CA ASN B 97 9.39 -0.18 13.44
C ASN B 97 10.69 0.56 13.12
N SER B 98 11.40 0.10 12.10
CA SER B 98 12.66 0.75 11.73
C SER B 98 12.42 2.13 11.12
N VAL B 99 11.27 2.35 10.49
CA VAL B 99 11.00 3.62 9.83
C VAL B 99 10.46 4.67 10.79
N GLY B 100 10.04 4.27 12.00
CA GLY B 100 9.66 5.21 13.03
C GLY B 100 8.18 5.37 13.25
N VAL B 101 7.33 4.78 12.41
CA VAL B 101 5.90 4.89 12.62
C VAL B 101 5.44 3.84 13.63
N ARG B 102 4.30 4.11 14.26
CA ARG B 102 3.87 3.38 15.44
C ARG B 102 3.51 1.93 15.09
N ARG B 103 3.66 1.04 16.07
CA ARG B 103 3.36 -0.38 15.92
C ARG B 103 2.39 -0.93 16.94
N THR B 104 2.43 -0.47 18.19
CA THR B 104 1.63 -1.04 19.27
C THR B 104 0.80 0.05 19.93
N ASP B 105 -0.18 -0.38 20.74
CA ASP B 105 -1.03 0.56 21.45
C ASP B 105 -0.22 1.39 22.44
N LYS B 106 -0.61 2.65 22.60
CA LYS B 106 0.07 3.53 23.54
C LYS B 106 -0.05 2.98 24.96
N GLY B 107 1.07 2.90 25.66
CA GLY B 107 1.10 2.38 27.00
C GLY B 107 1.68 3.33 28.02
N ASP B 108 2.48 2.81 28.95
CA ASP B 108 3.11 3.63 29.97
C ASP B 108 4.61 3.41 30.02
N LEU B 109 5.27 3.92 31.05
CA LEU B 109 6.72 3.87 31.17
C LEU B 109 7.26 2.50 31.55
N SER B 110 6.42 1.48 31.65
CA SER B 110 6.87 0.12 31.91
C SER B 110 6.91 -0.72 30.63
N LEU B 111 6.77 -0.09 29.47
CA LEU B 111 6.69 -0.82 28.21
C LEU B 111 8.06 -1.44 27.87
N ARG B 112 8.00 -2.62 27.24
CA ARG B 112 9.21 -3.37 26.87
C ARG B 112 9.11 -3.77 25.40
N CYS B 113 9.71 -2.95 24.53
CA CYS B 113 9.82 -3.27 23.10
C CYS B 113 11.09 -4.10 22.93
N ASP B 114 10.91 -5.41 22.77
CA ASP B 114 12.04 -6.33 22.87
C ASP B 114 12.96 -6.25 21.66
N GLU B 115 12.43 -5.91 20.49
CA GLU B 115 13.28 -5.78 19.32
C GLU B 115 12.75 -4.67 18.43
N LEU B 116 13.66 -4.12 17.62
CA LEU B 116 13.36 -3.07 16.65
C LEU B 116 12.87 -3.75 15.37
N VAL B 117 11.56 -3.69 15.14
CA VAL B 117 10.98 -4.40 14.00
C VAL B 117 11.41 -3.73 12.70
N ARG B 118 11.77 -4.56 11.72
CA ARG B 118 12.16 -4.07 10.40
C ARG B 118 10.95 -3.66 9.57
N THR B 119 11.13 -2.64 8.74
CA THR B 119 10.20 -2.31 7.67
C THR B 119 10.84 -2.81 6.38
N HIS B 120 10.26 -3.86 5.79
CA HIS B 120 10.89 -4.56 4.68
C HIS B 120 10.24 -4.28 3.33
N HIS B 121 9.05 -3.69 3.29
CA HIS B 121 8.42 -3.34 2.02
C HIS B 121 7.80 -1.95 2.15
N ILE B 122 8.11 -1.08 1.20
CA ILE B 122 7.61 0.29 1.20
C ILE B 122 6.96 0.57 -0.15
N LEU B 123 5.73 1.05 -0.12
CA LEU B 123 4.96 1.35 -1.33
C LEU B 123 4.70 2.85 -1.37
N ILE B 124 5.13 3.50 -2.45
CA ILE B 124 4.96 4.94 -2.64
C ILE B 124 3.91 5.14 -3.71
N ASP B 125 2.86 5.90 -3.38
CA ASP B 125 1.71 6.10 -4.26
C ASP B 125 1.63 7.59 -4.57
N LEU B 126 2.07 7.98 -5.77
CA LEU B 126 2.02 9.36 -6.21
C LEU B 126 0.86 9.56 -7.17
N ARG B 127 0.39 10.82 -7.24
CA ARG B 127 -0.60 11.20 -8.25
C ARG B 127 -0.23 12.58 -8.75
N HIS B 128 0.01 12.69 -10.05
CA HIS B 128 0.55 13.91 -10.64
C HIS B 128 -0.54 14.74 -11.29
N ARG B 129 -0.30 16.05 -11.37
CA ARG B 129 -1.24 16.95 -12.01
C ARG B 129 -1.45 16.54 -13.46
N PRO B 130 -2.69 16.36 -13.90
CA PRO B 130 -2.94 15.71 -15.20
C PRO B 130 -2.48 16.58 -16.37
N THR B 131 -1.61 16.01 -17.20
CA THR B 131 -1.21 16.65 -18.45
C THR B 131 -2.25 16.34 -19.52
N ALA B 132 -1.98 16.74 -20.76
CA ALA B 132 -2.93 16.48 -21.85
C ALA B 132 -3.16 14.99 -22.03
N GLY B 133 -2.10 14.19 -21.90
CA GLY B 133 -2.22 12.75 -21.90
C GLY B 133 -1.37 12.12 -20.83
N ALA B 134 -1.20 10.80 -20.89
CA ALA B 134 -0.33 10.09 -19.98
C ALA B 134 1.05 9.91 -20.60
N PHE B 135 1.99 9.44 -19.78
CA PHE B 135 3.33 9.13 -20.26
C PHE B 135 3.40 7.67 -20.67
N ASN B 136 4.61 7.23 -21.04
CA ASN B 136 4.87 5.83 -21.32
C ASN B 136 5.36 5.16 -20.05
N HIS B 137 4.95 3.90 -19.85
CA HIS B 137 5.37 3.17 -18.67
C HIS B 137 6.87 2.95 -18.66
N SER B 138 7.48 2.80 -19.85
CA SER B 138 8.91 2.54 -19.95
C SER B 138 9.73 3.72 -19.45
N ASP B 139 9.41 4.92 -19.94
CA ASP B 139 10.18 6.10 -19.54
C ASP B 139 10.05 6.37 -18.04
N LEU B 140 8.84 6.22 -17.51
CA LEU B 140 8.63 6.43 -16.08
C LEU B 140 9.40 5.41 -15.26
N ASP B 141 9.35 4.15 -15.66
CA ASP B 141 10.11 3.11 -14.97
C ASP B 141 11.59 3.45 -14.96
N ALA B 142 12.14 3.77 -16.14
CA ALA B 142 13.57 4.06 -16.25
C ALA B 142 13.94 5.27 -15.40
N GLU B 143 13.13 6.33 -15.46
CA GLU B 143 13.46 7.56 -14.73
C GLU B 143 13.44 7.34 -13.22
N LEU B 144 12.42 6.64 -12.71
CA LEU B 144 12.34 6.47 -11.27
C LEU B 144 13.40 5.51 -10.75
N ARG B 145 13.67 4.42 -11.48
CA ARG B 145 14.75 3.53 -11.06
C ARG B 145 16.09 4.26 -11.11
N ARG B 146 16.28 5.12 -12.12
CA ARG B 146 17.50 5.92 -12.19
C ARG B 146 17.61 6.90 -11.03
N LEU B 147 16.49 7.53 -10.65
CA LEU B 147 16.52 8.46 -9.53
C LEU B 147 16.91 7.76 -8.24
N PHE B 148 16.29 6.61 -7.96
CA PHE B 148 16.67 5.89 -6.75
C PHE B 148 18.06 5.28 -6.83
N ARG B 149 18.59 5.05 -8.04
CA ARG B 149 19.95 4.51 -8.14
C ARG B 149 21.00 5.59 -7.95
N GLU B 150 20.89 6.69 -8.71
CA GLU B 150 21.94 7.70 -8.72
C GLU B 150 21.82 8.68 -7.55
N ARG B 151 20.64 9.27 -7.37
CA ARG B 151 20.50 10.41 -6.47
C ARG B 151 20.44 9.96 -5.00
N TYR B 152 19.53 9.04 -4.69
CA TYR B 152 19.41 8.56 -3.32
C TYR B 152 20.40 7.44 -3.00
N ARG B 153 21.19 7.00 -3.99
CA ARG B 153 22.24 6.01 -3.79
C ARG B 153 21.69 4.70 -3.23
N LEU B 154 20.54 4.29 -3.76
CA LEU B 154 19.92 3.01 -3.41
C LEU B 154 20.25 2.00 -4.51
N HIS B 155 20.69 0.82 -4.09
CA HIS B 155 21.08 -0.21 -5.05
C HIS B 155 19.88 -0.58 -5.91
N PRO B 156 20.08 -0.84 -7.21
CA PRO B 156 18.94 -1.07 -8.11
C PRO B 156 18.05 -2.23 -7.70
N LYS B 157 18.60 -3.27 -7.07
CA LYS B 157 17.80 -4.45 -6.74
C LYS B 157 16.72 -4.16 -5.70
N PHE B 158 16.88 -3.11 -4.89
CA PHE B 158 15.92 -2.82 -3.84
C PHE B 158 14.66 -2.14 -4.33
N VAL B 159 14.65 -1.62 -5.57
CA VAL B 159 13.43 -1.06 -6.16
C VAL B 159 12.71 -2.23 -6.83
N ALA B 160 11.78 -2.83 -6.10
CA ALA B 160 11.14 -4.06 -6.56
C ALA B 160 10.37 -3.84 -7.84
N ALA B 161 9.55 -2.79 -7.90
CA ALA B 161 8.70 -2.62 -9.08
C ALA B 161 8.27 -1.17 -9.24
N VAL B 162 7.78 -0.85 -10.43
CA VAL B 162 7.15 0.44 -10.72
C VAL B 162 5.89 0.17 -11.52
N HIS B 163 4.77 0.74 -11.08
CA HIS B 163 3.48 0.59 -11.75
C HIS B 163 2.99 1.96 -12.21
N TYR B 164 2.35 1.98 -13.37
CA TYR B 164 1.75 3.21 -13.89
C TYR B 164 0.38 2.91 -14.48
N GLU B 165 -0.51 3.87 -14.32
CA GLU B 165 -1.84 3.87 -14.90
C GLU B 165 -2.20 5.33 -15.17
N GLN B 166 -3.48 5.64 -15.29
CA GLN B 166 -3.90 7.02 -15.40
C GLN B 166 -3.36 7.82 -14.21
N PRO B 167 -2.75 8.99 -14.44
CA PRO B 167 -1.96 9.68 -13.41
C PRO B 167 -1.34 8.91 -12.25
N THR B 168 -2.06 8.00 -11.61
CA THR B 168 -1.58 7.39 -10.37
C THR B 168 -0.38 6.47 -10.63
N ILE B 169 0.74 6.78 -9.97
CA ILE B 169 1.99 6.04 -10.10
C ILE B 169 2.27 5.33 -8.78
N GLN B 170 2.94 4.17 -8.87
CA GLN B 170 3.30 3.40 -7.68
C GLN B 170 4.73 2.91 -7.80
N ILE B 171 5.45 2.90 -6.67
CA ILE B 171 6.81 2.39 -6.60
C ILE B 171 6.90 1.41 -5.42
N GLU B 172 7.41 0.21 -5.68
CA GLU B 172 7.54 -0.84 -4.68
C GLU B 172 9.02 -1.06 -4.37
N LEU B 173 9.39 -0.87 -3.10
CA LEU B 173 10.73 -1.14 -2.60
C LEU B 173 10.68 -2.32 -1.64
N ARG B 174 11.68 -3.19 -1.73
CA ARG B 174 11.72 -4.44 -0.97
C ARG B 174 13.12 -4.65 -0.43
N GLN B 175 13.25 -4.78 0.89
CA GLN B 175 14.56 -4.96 1.51
C GLN B 175 14.39 -5.70 2.83
N ASN B 176 14.70 -6.99 2.83
CA ASN B 176 14.77 -7.76 4.06
C ASN B 176 16.09 -7.48 4.79
N THR B 177 16.15 -7.91 6.05
CA THR B 177 17.39 -7.78 6.80
C THR B 177 18.49 -8.67 6.21
N SER B 178 18.11 -9.83 5.67
CA SER B 178 19.09 -10.76 5.12
C SER B 178 19.81 -10.19 3.90
N GLN B 179 19.15 -9.31 3.15
CA GLN B 179 19.70 -8.77 1.91
C GLN B 179 20.21 -7.34 2.05
N LYS B 180 20.44 -6.88 3.27
CA LYS B 180 21.07 -5.59 3.52
C LYS B 180 22.51 -5.84 3.94
N ALA B 181 23.46 -5.32 3.17
CA ALA B 181 24.87 -5.60 3.36
C ALA B 181 25.55 -4.46 4.10
N ALA B 182 26.87 -4.53 4.20
CA ALA B 182 27.63 -3.49 4.87
C ALA B 182 27.60 -2.20 4.05
N GLY B 183 27.13 -1.12 4.65
CA GLY B 183 27.06 0.15 3.96
C GLY B 183 25.98 0.27 2.92
N ASP B 184 24.92 -0.53 3.01
CA ASP B 184 23.77 -0.39 2.13
C ASP B 184 22.79 0.60 2.73
N VAL B 185 22.40 1.60 1.94
CA VAL B 185 21.40 2.56 2.41
C VAL B 185 20.07 1.85 2.56
N ASP B 186 19.29 2.29 3.55
CA ASP B 186 18.02 1.64 3.86
C ASP B 186 16.91 2.18 2.99
N ILE B 187 15.95 1.32 2.67
CA ILE B 187 14.78 1.75 1.92
C ILE B 187 14.01 2.80 2.69
N GLY B 188 14.04 2.74 4.03
CA GLY B 188 13.39 3.77 4.82
C GLY B 188 14.03 5.14 4.61
N ASP B 189 15.37 5.19 4.65
CA ASP B 189 16.06 6.46 4.48
C ASP B 189 15.90 7.00 3.06
N ALA B 190 16.01 6.13 2.05
CA ALA B 190 15.80 6.56 0.67
C ALA B 190 14.38 7.06 0.45
N ALA B 191 13.40 6.36 1.02
CA ALA B 191 12.01 6.78 0.90
C ALA B 191 11.78 8.11 1.62
N TYR B 192 12.42 8.31 2.76
CA TYR B 192 12.27 9.58 3.47
C TYR B 192 12.89 10.73 2.69
N TYR B 193 14.07 10.51 2.12
CA TYR B 193 14.65 11.53 1.24
C TYR B 193 13.74 11.81 0.05
N PHE B 194 13.13 10.76 -0.50
CA PHE B 194 12.21 10.92 -1.63
C PHE B 194 11.00 11.76 -1.23
N GLU B 195 10.42 11.49 -0.06
CA GLU B 195 9.23 12.21 0.37
C GLU B 195 9.54 13.62 0.84
N ARG B 196 10.79 13.90 1.21
CA ARG B 196 11.17 15.29 1.45
C ARG B 196 11.46 16.03 0.15
N ASP B 197 11.97 15.33 -0.86
CA ASP B 197 12.16 15.95 -2.17
C ASP B 197 10.84 16.09 -2.92
N ILE B 198 9.90 15.17 -2.71
CA ILE B 198 8.59 15.27 -3.35
C ILE B 198 7.84 16.50 -2.85
N LYS B 199 7.96 16.80 -1.56
CA LYS B 199 7.23 17.88 -0.92
C LYS B 199 7.98 19.21 -0.93
N GLY B 200 9.16 19.27 -1.56
CA GLY B 200 9.85 20.53 -1.70
C GLY B 200 10.69 20.96 -0.52
N GLU B 201 10.99 20.05 0.41
CA GLU B 201 11.85 20.36 1.54
C GLU B 201 13.09 19.46 1.50
N SER B 202 13.72 19.40 0.33
CA SER B 202 14.84 18.49 0.09
C SER B 202 15.89 18.58 1.19
N LEU B 203 16.49 17.43 1.50
CA LEU B 203 17.53 17.32 2.50
C LEU B 203 18.93 17.47 1.92
N PHE B 204 19.05 17.75 0.62
CA PHE B 204 20.33 17.92 -0.03
C PHE B 204 20.77 19.39 0.01
N GLN B 205 22.06 19.61 -0.21
CA GLN B 205 22.62 20.95 -0.11
C GLN B 205 22.17 21.83 -1.26
N GLY B 206 22.52 21.45 -2.49
CA GLY B 206 22.23 22.31 -3.63
C GLY B 206 20.76 22.39 -3.96
N ARG B 207 20.06 21.27 -3.93
CA ARG B 207 18.69 21.23 -4.43
C ARG B 207 17.70 21.73 -3.39
N GLY B 208 16.51 22.10 -3.86
CA GLY B 208 15.42 22.49 -2.99
C GLY B 208 14.21 21.61 -3.16
N GLY B 209 14.06 21.03 -4.35
CA GLY B 209 12.95 20.17 -4.66
C GLY B 209 13.33 19.15 -5.72
N LEU B 210 12.34 18.36 -6.13
CA LEU B 210 12.52 17.33 -7.13
C LEU B 210 12.20 17.89 -8.52
N ASP B 211 13.18 17.81 -9.43
CA ASP B 211 12.91 18.17 -10.82
C ASP B 211 11.89 17.23 -11.43
N LEU B 212 12.15 15.92 -11.33
CA LEU B 212 11.23 14.86 -11.75
C LEU B 212 10.68 15.11 -13.15
N ARG B 213 11.58 15.05 -14.12
CA ARG B 213 11.25 15.19 -15.53
C ARG B 213 11.33 13.84 -16.21
N VAL B 214 10.27 13.49 -16.94
CA VAL B 214 10.20 12.22 -17.67
C VAL B 214 10.17 12.55 -19.15
N ARG B 215 11.27 12.26 -19.85
CA ARG B 215 11.41 12.57 -21.28
C ARG B 215 11.10 14.04 -21.55
N GLY B 216 11.61 14.91 -20.69
CA GLY B 216 11.37 16.34 -20.83
C GLY B 216 10.19 16.86 -20.04
N GLU B 217 9.02 16.24 -20.22
CA GLU B 217 7.78 16.68 -19.59
C GLU B 217 7.92 16.66 -18.07
N PRO B 218 7.92 17.83 -17.42
CA PRO B 218 8.07 17.86 -15.96
C PRO B 218 6.89 17.19 -15.27
N LEU B 219 7.18 16.54 -14.15
CA LEU B 219 6.20 15.74 -13.41
C LEU B 219 5.99 16.40 -12.05
N GLN B 220 4.86 17.07 -11.87
CA GLN B 220 4.52 17.73 -10.61
C GLN B 220 3.49 16.88 -9.86
N VAL B 221 3.82 16.55 -8.62
CA VAL B 221 3.04 15.59 -7.84
C VAL B 221 2.20 16.35 -6.82
N GLU B 222 0.88 16.09 -6.84
CA GLU B 222 -0.04 16.69 -5.89
C GLU B 222 -0.13 15.88 -4.60
N ARG B 223 -0.49 14.61 -4.71
CA ARG B 223 -0.74 13.74 -3.57
C ARG B 223 0.28 12.62 -3.52
N THR B 224 0.70 12.26 -2.32
CA THR B 224 1.65 11.17 -2.10
C THR B 224 1.20 10.35 -0.92
N LEU B 225 1.18 9.02 -1.09
CA LEU B 225 0.85 8.09 -0.01
C LEU B 225 1.95 7.04 0.07
N ILE B 226 2.52 6.87 1.26
CA ILE B 226 3.67 5.98 1.47
C ILE B 226 3.29 5.00 2.57
N TYR B 227 3.16 3.73 2.21
CA TYR B 227 2.78 2.68 3.15
C TYR B 227 4.01 1.86 3.53
N TYR B 228 4.15 1.59 4.83
CA TYR B 228 5.29 0.87 5.36
C TYR B 228 4.83 -0.50 5.85
N LEU B 229 5.50 -1.55 5.38
CA LEU B 229 5.15 -2.93 5.68
C LEU B 229 6.23 -3.54 6.56
N ASP B 230 5.83 -4.10 7.69
CA ASP B 230 6.75 -4.62 8.69
C ASP B 230 6.79 -6.15 8.62
N GLU B 231 7.98 -6.70 8.91
CA GLU B 231 8.16 -8.14 8.87
C GLU B 231 7.25 -8.84 9.87
N ILE B 232 7.09 -8.26 11.05
CA ILE B 232 6.10 -8.71 12.03
C ILE B 232 4.92 -7.74 11.99
N PRO B 233 3.69 -8.21 11.86
CA PRO B 233 2.56 -7.28 11.78
C PRO B 233 2.43 -6.48 13.05
N PRO B 234 1.99 -5.22 12.96
CA PRO B 234 1.86 -4.38 14.17
C PRO B 234 0.65 -4.80 15.00
N LYS B 235 0.88 -4.95 16.31
CA LYS B 235 -0.14 -5.45 17.22
C LYS B 235 -0.88 -4.27 17.84
N PHE B 236 -2.17 -4.16 17.52
CA PHE B 236 -3.01 -3.11 18.08
C PHE B 236 -4.09 -3.70 18.99
#